data_1PIK
#
_entry.id   1PIK
#
_cell.length_a   1.000
_cell.length_b   1.000
_cell.length_c   1.000
_cell.angle_alpha   90.00
_cell.angle_beta   90.00
_cell.angle_gamma   90.00
#
_symmetry.space_group_name_H-M   'P 1'
#
loop_
_entity.id
_entity.type
_entity.pdbx_description
1 polymer "DNA (5'-D(C*GP*GP*AP*TP*CP*CP*GP)-3')"
2 branched 2,4-dideoxy-3-O-methyl-4-(propan-2-ylamino)-alpha-L-threo-pentopyranose-(1-2)-4-amino-4,6-dideoxy-beta-D-glucopyranose
3 non-polymer "4,5-DIMETHOXY-N-(2'-METHOXYPROPENOYL ANTHRANILATE)"
4 non-polymer 2,6-dideoxy-4-S-methyl-4-thio-beta-D-ribo-hexopyranose
5 non-polymer 2-deoxy-alpha-L-fucopyranose
6 non-polymer '[1,8-DIHYDROXY-11-OXO-13-(2-METHYLTRITHIO-ETHYLIDENE)-BICYCLO[7.3.1]TRIDECA-4,9-DIENE-2,6-DIYN-10-YL]-CARBAMIC ACID METHYL ESTER'
#
_entity_poly.entity_id   1
_entity_poly.type   'polydeoxyribonucleotide'
_entity_poly.pdbx_seq_one_letter_code
;(DC)(DG)(DG)(DA)(DT)(DC)(DC)(DG)
;
_entity_poly.pdbx_strand_id   A,B
#